data_8B0B
#
_entry.id   8B0B
#
_cell.length_a   44.442
_cell.length_b   70.846
_cell.length_c   78.293
_cell.angle_alpha   90.000
_cell.angle_beta   98.702
_cell.angle_gamma   90.000
#
_symmetry.space_group_name_H-M   'P 1 21 1'
#
loop_
_entity.id
_entity.type
_entity.pdbx_description
1 polymer 'Heparanase 50 kDa subunit'
2 polymer 'Heparanase 8 kDa subunit'
3 non-polymer 2-acetamido-2-deoxy-beta-D-glucopyranose
4 non-polymer 1,2-ETHANEDIOL
5 non-polymer '(1~{S},2~{R},3~{R},4~{S},6~{S})-2-(2-acetamidoethoxy)-3,4,6-tris(oxidanyl)cyclohexane-1-carboxylic acid'
6 water water
#
loop_
_entity_poly.entity_id
_entity_poly.type
_entity_poly.pdbx_seq_one_letter_code
_entity_poly.pdbx_strand_id
1 'polypeptide(L)'
;KFKNSTYSRSSVDVLYTFANCSGLDLIFGLNALLRTADLQWNSSNAQLLLDYCSSKGYNISWELGNEPNSFLKKADIFIN
GSQLGEDFIQLHKLLRKSTFKNAKLYGPDVGQPRRKTAKMLKSFLKAGGEVIDSVTWHHYYLNGRTATREDFLNPDVLDI
FISSVQKVFQVVESTRPGKKVWLGETSSAYGGGAPLLSDTFAAGFMWLDKLGLSARMGIEVVMRQVFFGAGNYHLVDENF
DPLPDYWLSLLFKKLVGTKVLMASVQGSKRRKLRVYLHCTNTDNPRYKEGDLTLYAINLHNVTKYLRLPYPFSNKQVDKY
LLRPLGPHGLLSKSVQLNGLTLKMVDDQTLPPLMEKPLRPGSSLGLPAFSYSFFVIRNAKVAACI
;
AAA
2 'polypeptide(L)' QDVVDLDFFTQEPLHLVSPSFLSVTIDANLATDPRFLILLGSPKLRTLARGLSPAYLRFGGTKTDFLIFDPKKE BBB
#
# COMPACT_ATOMS: atom_id res chain seq x y z
N PHE A 2 -13.62 -21.97 -1.14
CA PHE A 2 -14.51 -20.78 -1.20
C PHE A 2 -15.89 -21.24 -1.74
N LYS A 3 -16.98 -20.87 -1.05
CA LYS A 3 -18.39 -21.13 -1.47
C LYS A 3 -19.07 -19.77 -1.65
N ASN A 4 -20.25 -19.74 -2.28
CA ASN A 4 -21.04 -18.49 -2.40
C ASN A 4 -21.61 -18.14 -1.02
N SER A 5 -21.35 -16.91 -0.57
CA SER A 5 -22.02 -16.19 0.54
C SER A 5 -22.66 -14.93 -0.05
N THR A 6 -23.67 -14.40 0.62
CA THR A 6 -24.31 -13.12 0.24
C THR A 6 -23.97 -12.05 1.27
N TYR A 7 -24.46 -10.83 1.05
CA TYR A 7 -24.30 -9.67 1.96
C TYR A 7 -25.41 -8.65 1.68
N SER A 8 -25.81 -7.88 2.69
CA SER A 8 -27.04 -7.07 2.70
C SER A 8 -26.71 -5.63 2.32
N ARG A 9 -27.76 -4.85 2.06
CA ARG A 9 -27.73 -3.36 1.98
C ARG A 9 -27.02 -2.80 3.21
N SER A 10 -27.19 -3.50 4.33
CA SER A 10 -26.54 -3.25 5.64
C SER A 10 -25.01 -3.18 5.46
N SER A 11 -24.40 -4.30 5.05
CA SER A 11 -22.93 -4.48 4.85
C SER A 11 -22.36 -3.28 4.07
N VAL A 12 -22.99 -2.94 2.96
CA VAL A 12 -22.58 -1.82 2.07
C VAL A 12 -22.48 -0.56 2.92
N ASP A 13 -23.49 -0.32 3.75
CA ASP A 13 -23.67 0.96 4.49
C ASP A 13 -22.55 1.11 5.52
N VAL A 14 -22.28 0.05 6.28
CA VAL A 14 -21.25 0.08 7.36
C VAL A 14 -19.90 0.38 6.71
N LEU A 15 -19.61 -0.33 5.62
CA LEU A 15 -18.40 -0.12 4.78
C LEU A 15 -18.31 1.35 4.32
N TYR A 16 -19.39 1.91 3.74
CA TYR A 16 -19.41 3.29 3.20
C TYR A 16 -19.08 4.28 4.32
N THR A 17 -19.87 4.27 5.41
CA THR A 17 -19.78 5.27 6.49
C THR A 17 -18.38 5.16 7.08
N PHE A 18 -17.91 3.93 7.28
CA PHE A 18 -16.52 3.67 7.73
C PHE A 18 -15.50 4.46 6.88
N ALA A 19 -15.51 4.29 5.56
CA ALA A 19 -14.60 5.00 4.65
C ALA A 19 -14.94 6.50 4.70
N ASN A 20 -16.20 6.84 4.44
CA ASN A 20 -16.75 8.22 4.54
C ASN A 20 -16.21 8.86 5.81
N CYS A 21 -16.51 8.25 6.96
CA CYS A 21 -16.22 8.84 8.28
C CYS A 21 -14.70 8.93 8.49
N SER A 22 -13.92 8.04 7.88
CA SER A 22 -12.46 7.95 8.12
C SER A 22 -11.66 8.73 7.06
N GLY A 23 -12.33 9.48 6.17
CA GLY A 23 -11.67 10.31 5.15
C GLY A 23 -10.97 9.48 4.08
N LEU A 24 -11.57 8.36 3.68
CA LEU A 24 -10.99 7.36 2.75
C LEU A 24 -11.90 7.16 1.53
N ASP A 25 -11.29 6.77 0.41
CA ASP A 25 -11.92 6.62 -0.92
C ASP A 25 -12.16 5.14 -1.22
N LEU A 26 -13.41 4.74 -1.19
CA LEU A 26 -13.77 3.32 -1.26
C LEU A 26 -13.65 2.89 -2.72
N ILE A 27 -12.88 1.83 -2.95
CA ILE A 27 -12.89 1.01 -4.19
C ILE A 27 -13.54 -0.32 -3.83
N PHE A 28 -14.55 -0.76 -4.60
CA PHE A 28 -15.32 -2.00 -4.38
C PHE A 28 -15.08 -2.97 -5.54
N GLY A 29 -14.73 -4.21 -5.19
CA GLY A 29 -14.40 -5.28 -6.14
C GLY A 29 -15.61 -6.13 -6.39
N LEU A 30 -16.05 -6.20 -7.65
CA LEU A 30 -17.25 -6.97 -8.06
C LEU A 30 -16.80 -8.37 -8.44
N ASN A 31 -17.69 -9.32 -8.17
CA ASN A 31 -17.60 -10.76 -8.46
C ASN A 31 -17.59 -10.95 -9.97
N ALA A 32 -16.50 -11.49 -10.50
CA ALA A 32 -16.26 -11.70 -11.94
C ALA A 32 -16.48 -13.16 -12.31
N LEU A 33 -16.92 -14.01 -11.37
CA LEU A 33 -17.21 -15.44 -11.65
C LEU A 33 -18.71 -15.64 -11.91
N LEU A 34 -19.54 -14.61 -11.77
CA LEU A 34 -20.94 -14.62 -12.29
C LEU A 34 -20.87 -14.63 -13.82
N ARG A 35 -20.87 -15.83 -14.39
CA ARG A 35 -20.68 -16.06 -15.85
C ARG A 35 -22.01 -16.42 -16.49
N THR A 36 -22.16 -16.07 -17.76
CA THR A 36 -23.25 -16.57 -18.63
C THR A 36 -22.76 -17.90 -19.21
N ALA A 37 -23.66 -18.66 -19.85
CA ALA A 37 -23.39 -19.98 -20.46
C ALA A 37 -22.12 -19.91 -21.32
N ASP A 38 -22.00 -18.83 -22.10
CA ASP A 38 -20.87 -18.52 -23.01
C ASP A 38 -19.61 -18.12 -22.22
N LEU A 39 -19.73 -17.94 -20.90
CA LEU A 39 -18.65 -17.53 -19.96
C LEU A 39 -18.26 -16.08 -20.27
N GLN A 40 -19.24 -15.32 -20.73
CA GLN A 40 -19.24 -13.84 -20.60
C GLN A 40 -19.55 -13.55 -19.13
N TRP A 41 -19.18 -12.40 -18.63
CA TRP A 41 -19.54 -11.99 -17.26
C TRP A 41 -21.04 -11.70 -17.24
N ASN A 42 -21.80 -12.33 -16.33
CA ASN A 42 -23.21 -11.99 -16.05
C ASN A 42 -23.22 -10.77 -15.12
N SER A 43 -23.79 -9.64 -15.56
CA SER A 43 -23.67 -8.31 -14.89
C SER A 43 -24.92 -7.94 -14.08
N SER A 44 -25.89 -8.86 -13.97
CA SER A 44 -27.24 -8.55 -13.38
C SER A 44 -27.10 -8.17 -11.91
N ASN A 45 -26.30 -8.93 -11.15
CA ASN A 45 -26.13 -8.75 -9.69
C ASN A 45 -25.47 -7.39 -9.42
N ALA A 46 -24.44 -7.09 -10.20
CA ALA A 46 -23.68 -5.82 -10.15
C ALA A 46 -24.66 -4.65 -10.37
N GLN A 47 -25.57 -4.82 -11.32
CA GLN A 47 -26.63 -3.81 -11.61
C GLN A 47 -27.39 -3.48 -10.32
N LEU A 48 -27.78 -4.51 -9.57
CA LEU A 48 -28.56 -4.29 -8.33
C LEU A 48 -27.71 -3.39 -7.41
N LEU A 49 -26.42 -3.70 -7.30
CA LEU A 49 -25.55 -3.03 -6.29
C LEU A 49 -25.33 -1.56 -6.70
N LEU A 50 -25.10 -1.31 -7.98
CA LEU A 50 -24.87 0.07 -8.48
C LEU A 50 -26.16 0.85 -8.25
N ASP A 51 -27.29 0.25 -8.62
CA ASP A 51 -28.64 0.83 -8.41
C ASP A 51 -28.75 1.25 -6.94
N TYR A 52 -28.44 0.35 -6.02
CA TYR A 52 -28.61 0.63 -4.57
C TYR A 52 -27.68 1.79 -4.18
N CYS A 53 -26.42 1.70 -4.59
CA CYS A 53 -25.35 2.67 -4.23
C CYS A 53 -25.73 4.07 -4.74
N SER A 54 -26.15 4.16 -6.01
CA SER A 54 -26.72 5.39 -6.64
C SER A 54 -27.88 5.90 -5.77
N SER A 55 -28.85 5.04 -5.50
CA SER A 55 -30.04 5.37 -4.68
C SER A 55 -29.61 6.10 -3.40
N LYS A 56 -28.40 5.82 -2.89
CA LYS A 56 -27.89 6.35 -1.58
C LYS A 56 -26.92 7.52 -1.78
N GLY A 57 -26.65 7.91 -3.02
CA GLY A 57 -25.68 8.96 -3.36
C GLY A 57 -24.29 8.60 -2.86
N TYR A 58 -23.80 7.41 -3.20
CA TYR A 58 -22.49 6.90 -2.73
C TYR A 58 -21.39 7.17 -3.76
N ASN A 59 -20.37 7.98 -3.43
CA ASN A 59 -19.12 8.21 -4.24
C ASN A 59 -18.24 6.97 -4.07
N ILE A 60 -18.24 6.06 -5.04
CA ILE A 60 -17.49 4.78 -4.95
C ILE A 60 -16.81 4.51 -6.30
N SER A 61 -15.54 4.07 -6.26
CA SER A 61 -14.77 3.59 -7.44
C SER A 61 -14.91 2.08 -7.53
N TRP A 62 -14.54 1.44 -8.65
CA TRP A 62 -14.78 -0.01 -8.84
C TRP A 62 -13.56 -0.80 -9.34
N GLU A 63 -13.64 -2.12 -9.16
CA GLU A 63 -12.73 -3.17 -9.69
C GLU A 63 -13.65 -4.30 -10.14
N LEU A 64 -13.13 -5.28 -10.88
CA LEU A 64 -13.90 -6.47 -11.30
C LEU A 64 -12.95 -7.65 -11.24
N GLY A 65 -13.13 -8.51 -10.25
CA GLY A 65 -12.30 -9.70 -10.04
C GLY A 65 -11.11 -9.48 -9.12
N ASN A 66 -10.60 -10.57 -8.55
CA ASN A 66 -9.39 -10.61 -7.72
C ASN A 66 -8.51 -11.78 -8.21
N GLU A 67 -7.29 -11.49 -8.66
CA GLU A 67 -6.32 -12.53 -9.10
C GLU A 67 -7.01 -13.51 -10.03
N PRO A 68 -7.47 -13.02 -11.21
CA PRO A 68 -8.09 -13.86 -12.23
C PRO A 68 -7.26 -15.04 -12.77
N ASN A 69 -5.95 -14.98 -12.53
CA ASN A 69 -4.94 -15.96 -13.00
C ASN A 69 -5.23 -17.34 -12.42
N SER A 70 -5.75 -17.42 -11.19
CA SER A 70 -6.02 -18.69 -10.48
C SER A 70 -7.53 -18.99 -10.41
N PHE A 71 -8.36 -18.34 -11.23
CA PHE A 71 -9.80 -18.69 -11.33
C PHE A 71 -9.91 -20.19 -11.59
N LEU A 72 -9.00 -20.75 -12.39
CA LEU A 72 -9.05 -22.19 -12.73
C LEU A 72 -8.77 -23.01 -11.47
N LYS A 73 -7.69 -22.71 -10.75
CA LYS A 73 -7.40 -23.42 -9.49
C LYS A 73 -8.50 -23.12 -8.45
N LYS A 74 -9.05 -21.90 -8.45
CA LYS A 74 -9.98 -21.42 -7.39
C LYS A 74 -11.39 -21.95 -7.65
N ALA A 75 -11.91 -21.85 -8.88
CA ALA A 75 -13.34 -22.10 -9.21
C ALA A 75 -13.47 -23.12 -10.35
N ASP A 76 -12.37 -23.74 -10.78
CA ASP A 76 -12.33 -24.73 -11.89
C ASP A 76 -12.93 -24.12 -13.15
N ILE A 77 -12.98 -22.79 -13.24
CA ILE A 77 -13.33 -21.97 -14.43
C ILE A 77 -12.04 -21.27 -14.92
N PHE A 78 -11.70 -21.35 -16.21
CA PHE A 78 -10.64 -20.49 -16.82
C PHE A 78 -11.27 -19.30 -17.59
N ILE A 79 -10.71 -18.10 -17.39
CA ILE A 79 -11.11 -16.86 -18.11
C ILE A 79 -9.85 -16.16 -18.61
N ASN A 80 -9.70 -16.01 -19.92
CA ASN A 80 -8.48 -15.38 -20.53
C ASN A 80 -8.65 -13.85 -20.48
N GLY A 81 -7.52 -13.16 -20.58
CA GLY A 81 -7.46 -11.68 -20.48
C GLY A 81 -8.32 -11.03 -21.54
N SER A 82 -8.31 -11.60 -22.75
CA SER A 82 -9.22 -11.20 -23.87
C SER A 82 -10.64 -11.01 -23.32
N GLN A 83 -11.27 -12.10 -22.86
CA GLN A 83 -12.66 -12.07 -22.32
C GLN A 83 -12.74 -11.06 -21.18
N LEU A 84 -11.76 -11.10 -20.28
CA LEU A 84 -11.80 -10.26 -19.05
C LEU A 84 -11.75 -8.79 -19.46
N GLY A 85 -11.04 -8.48 -20.54
CA GLY A 85 -11.00 -7.12 -21.10
C GLY A 85 -12.38 -6.69 -21.60
N GLU A 86 -13.08 -7.60 -22.30
CA GLU A 86 -14.46 -7.38 -22.80
C GLU A 86 -15.37 -7.11 -21.60
N ASP A 87 -15.26 -7.97 -20.59
CA ASP A 87 -16.01 -7.86 -19.32
C ASP A 87 -15.81 -6.44 -18.74
N PHE A 88 -14.58 -5.92 -18.74
CA PHE A 88 -14.27 -4.57 -18.17
C PHE A 88 -14.99 -3.48 -18.99
N ILE A 89 -15.11 -3.67 -20.31
CA ILE A 89 -15.84 -2.75 -21.24
C ILE A 89 -17.34 -2.72 -20.88
N GLN A 90 -17.98 -3.88 -20.70
CA GLN A 90 -19.41 -4.00 -20.29
C GLN A 90 -19.63 -3.15 -19.04
N LEU A 91 -18.88 -3.46 -17.98
CA LEU A 91 -18.96 -2.77 -16.67
C LEU A 91 -18.73 -1.27 -16.91
N HIS A 92 -17.73 -0.90 -17.70
CA HIS A 92 -17.46 0.54 -17.93
C HIS A 92 -18.73 1.20 -18.50
N LYS A 93 -19.35 0.61 -19.53
CA LYS A 93 -20.61 1.10 -20.14
C LYS A 93 -21.67 1.32 -19.04
N LEU A 94 -21.84 0.31 -18.18
CA LEU A 94 -22.79 0.37 -17.05
C LEU A 94 -22.52 1.58 -16.16
N LEU A 95 -21.25 1.85 -15.85
CA LEU A 95 -20.90 2.99 -14.96
C LEU A 95 -21.21 4.31 -15.67
N ARG A 96 -21.07 4.33 -17.00
CA ARG A 96 -21.34 5.54 -17.84
C ARG A 96 -22.85 5.82 -17.82
N LYS A 97 -23.65 4.76 -17.82
CA LYS A 97 -25.13 4.81 -17.74
C LYS A 97 -25.61 4.89 -16.29
N SER A 98 -24.77 4.55 -15.32
CA SER A 98 -25.05 4.73 -13.87
C SER A 98 -25.10 6.23 -13.57
N THR A 99 -25.46 6.60 -12.34
CA THR A 99 -25.46 8.00 -11.85
C THR A 99 -24.01 8.44 -11.61
N PHE A 100 -23.11 7.51 -11.24
CA PHE A 100 -21.64 7.72 -11.17
C PHE A 100 -21.03 7.38 -12.53
N LYS A 101 -21.41 8.17 -13.55
CA LYS A 101 -20.90 8.10 -14.94
C LYS A 101 -19.38 8.32 -14.90
N ASN A 102 -18.95 9.23 -14.01
CA ASN A 102 -17.58 9.77 -13.89
C ASN A 102 -16.90 9.21 -12.63
N ALA A 103 -17.17 7.94 -12.29
CA ALA A 103 -16.46 7.14 -11.27
C ALA A 103 -15.26 6.47 -11.92
N LYS A 104 -14.26 6.08 -11.12
CA LYS A 104 -13.02 5.43 -11.60
C LYS A 104 -13.22 3.93 -11.64
N LEU A 105 -12.44 3.28 -12.50
CA LEU A 105 -12.51 1.81 -12.74
C LEU A 105 -11.09 1.28 -12.89
N TYR A 106 -10.64 0.47 -11.93
CA TYR A 106 -9.26 -0.04 -11.84
C TYR A 106 -9.30 -1.56 -12.07
N GLY A 107 -8.20 -2.16 -12.53
CA GLY A 107 -8.12 -3.62 -12.74
C GLY A 107 -6.80 -4.00 -13.43
N PRO A 108 -6.48 -5.30 -13.62
CA PRO A 108 -7.34 -6.42 -13.24
C PRO A 108 -6.95 -7.21 -11.97
N ASP A 109 -6.12 -6.63 -11.12
CA ASP A 109 -5.78 -7.19 -9.80
C ASP A 109 -5.13 -8.55 -10.01
N VAL A 110 -4.27 -8.65 -11.00
CA VAL A 110 -3.52 -9.91 -11.28
C VAL A 110 -2.40 -10.09 -10.26
N GLY A 111 -2.07 -11.34 -9.98
CA GLY A 111 -0.93 -11.70 -9.12
C GLY A 111 0.33 -11.30 -9.81
N GLN A 112 1.46 -11.60 -9.19
CA GLN A 112 2.78 -11.05 -9.56
C GLN A 112 3.32 -11.82 -10.76
N PRO A 113 4.26 -11.18 -11.50
CA PRO A 113 4.79 -11.68 -12.78
C PRO A 113 5.25 -13.14 -12.84
N ARG A 114 4.32 -14.04 -13.09
CA ARG A 114 4.62 -15.36 -13.66
C ARG A 114 4.51 -15.21 -15.18
N ARG A 115 4.99 -16.20 -15.93
CA ARG A 115 4.97 -16.15 -17.43
C ARG A 115 3.50 -16.05 -17.85
N LYS A 116 2.65 -16.90 -17.27
CA LYS A 116 1.20 -17.01 -17.60
C LYS A 116 0.53 -15.70 -17.18
N THR A 117 0.87 -15.18 -15.98
CA THR A 117 0.31 -13.90 -15.46
C THR A 117 0.63 -12.75 -16.42
N ALA A 118 1.84 -12.74 -16.98
CA ALA A 118 2.27 -11.76 -18.01
C ALA A 118 1.27 -11.74 -19.16
N LYS A 119 0.99 -12.94 -19.70
CA LYS A 119 0.14 -13.19 -20.90
C LYS A 119 -1.29 -12.73 -20.61
N MET A 120 -1.80 -13.08 -19.44
CA MET A 120 -3.16 -12.69 -19.04
C MET A 120 -3.22 -11.16 -19.04
N LEU A 121 -2.18 -10.49 -18.51
CA LEU A 121 -2.24 -9.01 -18.33
C LEU A 121 -2.06 -8.25 -19.65
N LYS A 122 -1.16 -8.74 -20.50
CA LYS A 122 -0.91 -8.15 -21.83
C LYS A 122 -2.21 -8.16 -22.63
N SER A 123 -2.83 -9.34 -22.75
CA SER A 123 -4.08 -9.61 -23.53
C SER A 123 -5.27 -8.90 -22.90
N PHE A 124 -5.33 -8.83 -21.57
CA PHE A 124 -6.36 -8.00 -20.86
C PHE A 124 -6.16 -6.52 -21.23
N LEU A 125 -4.93 -6.05 -21.27
CA LEU A 125 -4.66 -4.59 -21.51
C LEU A 125 -4.91 -4.26 -22.98
N LYS A 126 -4.61 -5.18 -23.88
CA LYS A 126 -4.89 -5.03 -25.33
C LYS A 126 -6.39 -4.84 -25.46
N ALA A 127 -7.14 -5.73 -24.79
CA ALA A 127 -8.61 -5.86 -24.78
C ALA A 127 -9.28 -4.65 -24.09
N GLY A 128 -9.06 -4.49 -22.79
CA GLY A 128 -9.79 -3.55 -21.92
C GLY A 128 -8.95 -2.36 -21.47
N GLY A 129 -7.69 -2.31 -21.88
CA GLY A 129 -6.77 -1.25 -21.44
C GLY A 129 -7.43 0.11 -21.42
N GLU A 130 -8.30 0.39 -22.37
CA GLU A 130 -8.75 1.77 -22.66
C GLU A 130 -9.72 2.29 -21.58
N VAL A 131 -10.39 1.42 -20.81
CA VAL A 131 -11.49 1.85 -19.89
C VAL A 131 -11.03 1.95 -18.42
N ILE A 132 -9.84 1.44 -18.08
CA ILE A 132 -9.33 1.36 -16.68
C ILE A 132 -8.49 2.61 -16.40
N ASP A 133 -8.64 3.17 -15.20
CA ASP A 133 -7.97 4.45 -14.85
C ASP A 133 -6.57 4.13 -14.32
N SER A 134 -6.31 2.87 -13.90
CA SER A 134 -4.99 2.38 -13.42
C SER A 134 -4.86 0.86 -13.61
N VAL A 135 -3.64 0.35 -13.69
CA VAL A 135 -3.41 -1.11 -13.78
C VAL A 135 -3.06 -1.62 -12.38
N THR A 136 -3.90 -2.46 -11.79
CA THR A 136 -3.70 -3.03 -10.44
C THR A 136 -3.09 -4.42 -10.54
N TRP A 137 -2.03 -4.63 -9.79
CA TRP A 137 -1.39 -5.95 -9.68
C TRP A 137 -0.98 -6.15 -8.23
N HIS A 138 -0.75 -7.41 -7.90
CA HIS A 138 -0.49 -7.88 -6.52
C HIS A 138 0.99 -8.31 -6.38
N HIS A 139 1.58 -7.93 -5.24
CA HIS A 139 2.89 -8.46 -4.78
C HIS A 139 2.89 -9.00 -3.34
N TYR A 140 3.49 -10.18 -3.14
CA TYR A 140 3.98 -10.72 -1.85
C TYR A 140 5.43 -11.21 -2.02
N TYR A 141 6.27 -10.89 -1.05
CA TYR A 141 7.65 -11.43 -0.99
C TYR A 141 7.63 -12.95 -0.70
N LEU A 142 6.81 -13.42 0.26
CA LEU A 142 7.03 -14.73 0.97
C LEU A 142 5.75 -15.54 1.14
N ASN A 143 5.89 -16.85 1.32
CA ASN A 143 4.77 -17.74 1.73
C ASN A 143 4.67 -17.64 3.25
N GLY A 144 3.52 -17.25 3.78
CA GLY A 144 3.29 -17.08 5.25
C GLY A 144 3.60 -18.35 6.04
N ARG A 145 3.45 -19.52 5.42
CA ARG A 145 3.60 -20.84 6.07
C ARG A 145 5.10 -21.10 6.30
N THR A 146 6.00 -20.56 5.46
CA THR A 146 7.43 -20.94 5.43
C THR A 146 8.35 -19.75 5.65
N ALA A 147 7.83 -18.52 5.59
CA ALA A 147 8.62 -17.30 5.85
C ALA A 147 9.39 -17.48 7.16
N THR A 148 10.66 -17.04 7.19
CA THR A 148 11.51 -16.96 8.39
C THR A 148 11.87 -15.50 8.69
N ARG A 149 12.27 -15.26 9.95
CA ARG A 149 12.92 -14.04 10.45
C ARG A 149 14.09 -13.65 9.55
N GLU A 150 14.91 -14.60 9.10
CA GLU A 150 16.05 -14.27 8.20
C GLU A 150 15.52 -13.66 6.90
N ASP A 151 14.42 -14.17 6.36
CA ASP A 151 13.85 -13.73 5.07
C ASP A 151 13.54 -12.23 5.22
N PHE A 152 12.86 -11.88 6.30
CA PHE A 152 12.37 -10.50 6.55
C PHE A 152 13.54 -9.52 6.64
N LEU A 153 14.76 -10.03 6.83
CA LEU A 153 15.97 -9.20 7.04
C LEU A 153 16.89 -9.28 5.84
N ASN A 154 16.51 -10.03 4.80
CA ASN A 154 17.42 -10.40 3.69
C ASN A 154 17.29 -9.40 2.53
N PRO A 155 18.32 -8.56 2.27
CA PRO A 155 18.32 -7.66 1.13
C PRO A 155 18.12 -8.40 -0.21
N ASP A 156 18.57 -9.66 -0.30
CA ASP A 156 18.30 -10.52 -1.48
C ASP A 156 16.79 -10.73 -1.64
N VAL A 157 16.02 -10.75 -0.57
CA VAL A 157 14.54 -10.92 -0.71
C VAL A 157 13.96 -9.58 -1.11
N LEU A 158 14.39 -8.49 -0.49
CA LEU A 158 13.92 -7.12 -0.81
C LEU A 158 14.14 -6.81 -2.29
N ASP A 159 15.31 -7.15 -2.80
CA ASP A 159 15.75 -6.84 -4.19
C ASP A 159 14.90 -7.58 -5.23
N ILE A 160 14.22 -8.70 -4.94
CA ILE A 160 13.43 -9.46 -5.97
C ILE A 160 12.30 -8.56 -6.48
N PHE A 161 11.71 -7.74 -5.58
CA PHE A 161 10.59 -6.84 -5.90
C PHE A 161 10.92 -5.89 -7.09
N ILE A 162 12.15 -5.41 -7.19
CA ILE A 162 12.62 -4.59 -8.35
C ILE A 162 12.30 -5.30 -9.67
N SER A 163 12.72 -6.56 -9.85
CA SER A 163 12.49 -7.31 -11.10
C SER A 163 10.98 -7.42 -11.35
N SER A 164 10.22 -7.69 -10.29
CA SER A 164 8.74 -7.82 -10.34
C SER A 164 8.19 -6.58 -11.03
N VAL A 165 8.59 -5.42 -10.55
CA VAL A 165 8.06 -4.13 -11.05
C VAL A 165 8.44 -4.01 -12.52
N GLN A 166 9.68 -4.38 -12.87
CA GLN A 166 10.23 -4.21 -14.24
C GLN A 166 9.40 -5.04 -15.22
N LYS A 167 9.12 -6.28 -14.87
CA LYS A 167 8.29 -7.18 -15.70
C LYS A 167 6.92 -6.54 -15.88
N VAL A 168 6.31 -6.05 -14.80
CA VAL A 168 4.97 -5.39 -14.92
C VAL A 168 5.08 -4.20 -15.89
N PHE A 169 6.03 -3.29 -15.70
CA PHE A 169 6.18 -2.10 -16.58
C PHE A 169 6.49 -2.54 -18.03
N GLN A 170 7.12 -3.69 -18.22
CA GLN A 170 7.34 -4.22 -19.59
C GLN A 170 6.02 -4.53 -20.27
N VAL A 171 5.11 -5.20 -19.58
CA VAL A 171 3.81 -5.55 -20.19
C VAL A 171 3.04 -4.24 -20.46
N VAL A 172 3.01 -3.30 -19.52
CA VAL A 172 2.18 -2.08 -19.64
C VAL A 172 2.73 -1.21 -20.78
N GLU A 173 4.04 -0.96 -20.82
CA GLU A 173 4.63 -0.05 -21.85
C GLU A 173 4.33 -0.64 -23.24
N SER A 174 4.14 -1.96 -23.34
CA SER A 174 3.98 -2.64 -24.65
C SER A 174 2.55 -2.51 -25.14
N THR A 175 1.62 -2.04 -24.30
CA THR A 175 0.16 -2.12 -24.58
C THR A 175 -0.53 -0.81 -24.23
N ARG A 176 -0.23 -0.23 -23.08
CA ARG A 176 -0.90 1.02 -22.66
C ARG A 176 0.14 1.91 -22.02
N PRO A 177 1.13 2.39 -22.80
CA PRO A 177 2.17 3.24 -22.22
C PRO A 177 1.55 4.53 -21.66
N GLY A 178 2.05 5.02 -20.53
CA GLY A 178 1.51 6.21 -19.82
C GLY A 178 0.47 5.85 -18.77
N LYS A 179 -0.24 4.73 -18.90
CA LYS A 179 -1.25 4.26 -17.91
C LYS A 179 -0.60 4.12 -16.52
N LYS A 180 -1.22 4.72 -15.51
CA LYS A 180 -0.80 4.57 -14.09
C LYS A 180 -0.91 3.11 -13.65
N VAL A 181 0.09 2.73 -12.84
CA VAL A 181 0.26 1.37 -12.28
C VAL A 181 0.13 1.47 -10.76
N TRP A 182 -0.75 0.66 -10.22
CA TRP A 182 -1.03 0.56 -8.77
C TRP A 182 -0.69 -0.84 -8.28
N LEU A 183 -0.19 -0.95 -7.06
CA LEU A 183 -0.26 -2.26 -6.36
C LEU A 183 -1.62 -2.30 -5.67
N GLY A 184 -2.43 -3.29 -6.05
CA GLY A 184 -3.85 -3.40 -5.63
C GLY A 184 -4.00 -4.19 -4.35
N GLU A 185 -3.01 -4.98 -4.00
CA GLU A 185 -2.98 -5.80 -2.77
C GLU A 185 -1.53 -6.24 -2.62
N THR A 186 -0.87 -5.83 -1.53
CA THR A 186 0.52 -6.22 -1.19
C THR A 186 0.71 -6.35 0.31
N SER A 187 1.62 -7.22 0.71
CA SER A 187 2.18 -7.36 2.08
C SER A 187 3.48 -8.17 2.01
N SER A 188 4.08 -8.39 3.18
CA SER A 188 5.22 -9.29 3.43
C SER A 188 5.02 -10.67 2.78
N ALA A 189 3.88 -11.32 3.03
CA ALA A 189 3.74 -12.80 2.87
C ALA A 189 2.29 -13.14 2.62
N TYR A 190 2.01 -14.01 1.63
CA TYR A 190 0.64 -14.50 1.33
C TYR A 190 0.28 -15.60 2.36
N GLY A 191 -0.94 -16.15 2.24
CA GLY A 191 -1.54 -17.08 3.22
C GLY A 191 -1.81 -16.40 4.55
N GLY A 192 -2.15 -15.12 4.56
CA GLY A 192 -2.57 -14.42 5.78
C GLY A 192 -1.42 -13.79 6.55
N GLY A 193 -0.18 -13.93 6.06
CA GLY A 193 1.02 -13.41 6.71
C GLY A 193 1.75 -14.47 7.55
N ALA A 194 2.89 -14.09 8.14
CA ALA A 194 3.76 -14.98 8.95
C ALA A 194 3.60 -14.60 10.41
N PRO A 195 2.99 -15.50 11.20
CA PRO A 195 2.88 -15.31 12.64
C PRO A 195 4.20 -14.85 13.27
N LEU A 196 4.12 -13.77 14.07
CA LEU A 196 5.21 -13.15 14.90
C LEU A 196 6.17 -12.39 14.01
N LEU A 197 5.85 -12.18 12.73
CA LEU A 197 6.75 -11.50 11.75
C LEU A 197 5.95 -10.43 11.02
N SER A 198 4.84 -10.79 10.39
CA SER A 198 4.03 -9.82 9.60
C SER A 198 3.46 -8.70 10.50
N ASP A 199 3.48 -8.89 11.83
CA ASP A 199 2.79 -8.01 12.81
C ASP A 199 3.83 -7.35 13.71
N THR A 200 5.11 -7.48 13.40
CA THR A 200 6.19 -7.02 14.30
C THR A 200 6.97 -5.86 13.68
N PHE A 201 7.82 -5.21 14.47
CA PHE A 201 8.83 -4.24 13.97
C PHE A 201 9.56 -4.81 12.75
N ALA A 202 9.73 -6.13 12.68
CA ALA A 202 10.56 -6.77 11.65
C ALA A 202 9.87 -6.61 10.29
N ALA A 203 8.56 -6.48 10.28
CA ALA A 203 7.69 -6.31 9.09
C ALA A 203 8.06 -5.00 8.38
N GLY A 204 8.64 -4.05 9.11
CA GLY A 204 8.81 -2.67 8.63
C GLY A 204 9.93 -2.52 7.62
N PHE A 205 10.95 -3.39 7.67
CA PHE A 205 12.01 -3.43 6.63
C PHE A 205 11.38 -3.61 5.26
N MET A 206 10.55 -4.65 5.11
CA MET A 206 9.89 -4.97 3.84
C MET A 206 8.96 -3.83 3.46
N TRP A 207 8.22 -3.33 4.43
CA TRP A 207 7.10 -2.40 4.15
C TRP A 207 7.71 -1.07 3.69
N LEU A 208 8.63 -0.52 4.47
CA LEU A 208 9.23 0.78 4.07
C LEU A 208 10.03 0.63 2.74
N ASP A 209 10.77 -0.46 2.53
CA ASP A 209 11.54 -0.65 1.28
C ASP A 209 10.56 -0.77 0.12
N LYS A 210 9.43 -1.42 0.31
CA LYS A 210 8.40 -1.55 -0.75
C LYS A 210 7.91 -0.16 -1.15
N LEU A 211 7.59 0.68 -0.17
CA LEU A 211 7.18 2.07 -0.39
C LEU A 211 8.31 2.82 -1.12
N GLY A 212 9.55 2.66 -0.69
CA GLY A 212 10.69 3.38 -1.28
C GLY A 212 10.83 3.08 -2.74
N LEU A 213 10.75 1.78 -3.06
CA LEU A 213 11.00 1.23 -4.41
C LEU A 213 9.78 1.56 -5.28
N SER A 214 8.57 1.32 -4.77
CA SER A 214 7.31 1.68 -5.49
C SER A 214 7.42 3.11 -5.98
N ALA A 215 7.71 4.05 -5.08
CA ALA A 215 7.71 5.50 -5.37
C ALA A 215 8.78 5.80 -6.41
N ARG A 216 9.99 5.22 -6.23
CA ARG A 216 11.17 5.40 -7.11
C ARG A 216 10.88 4.91 -8.53
N MET A 217 10.20 3.78 -8.65
CA MET A 217 10.09 3.06 -9.93
C MET A 217 8.79 3.43 -10.63
N GLY A 218 7.98 4.31 -10.04
CA GLY A 218 6.83 4.88 -10.77
C GLY A 218 5.53 4.17 -10.44
N ILE A 219 5.45 3.45 -9.32
CA ILE A 219 4.12 3.02 -8.82
C ILE A 219 3.52 4.25 -8.15
N GLU A 220 2.29 4.59 -8.52
CA GLU A 220 1.53 5.77 -8.06
C GLU A 220 0.78 5.50 -6.74
N VAL A 221 0.24 4.31 -6.54
CA VAL A 221 -0.52 3.97 -5.29
C VAL A 221 -0.14 2.56 -4.87
N VAL A 222 0.05 2.36 -3.55
CA VAL A 222 0.38 1.04 -2.93
C VAL A 222 -0.69 0.68 -1.88
N MET A 223 -1.43 -0.40 -2.12
CA MET A 223 -2.58 -0.81 -1.25
C MET A 223 -2.13 -1.95 -0.33
N ARG A 224 -2.02 -1.64 0.96
CA ARG A 224 -1.48 -2.53 2.04
C ARG A 224 -2.58 -3.51 2.46
N GLN A 225 -2.40 -4.80 2.14
CA GLN A 225 -3.13 -5.94 2.76
C GLN A 225 -2.58 -6.14 4.20
N VAL A 226 -3.34 -5.83 5.26
CA VAL A 226 -4.66 -5.21 5.31
C VAL A 226 -4.60 -4.14 6.41
N PHE A 227 -5.55 -3.20 6.41
CA PHE A 227 -5.71 -2.21 7.51
C PHE A 227 -6.08 -2.95 8.82
N PHE A 228 -7.06 -3.85 8.76
CA PHE A 228 -7.33 -4.82 9.85
C PHE A 228 -8.15 -6.01 9.32
N GLY A 229 -8.09 -7.12 10.07
CA GLY A 229 -8.54 -8.45 9.62
C GLY A 229 -7.78 -9.57 10.27
N ALA A 230 -8.08 -10.82 9.90
CA ALA A 230 -7.53 -12.03 10.56
C ALA A 230 -6.02 -12.13 10.35
N GLY A 231 -5.53 -11.69 9.19
CA GLY A 231 -4.15 -11.90 8.76
C GLY A 231 -3.19 -11.13 9.64
N ASN A 232 -2.05 -11.77 9.92
CA ASN A 232 -0.87 -11.29 10.69
C ASN A 232 -0.27 -10.02 10.06
N TYR A 233 -0.52 -9.78 8.76
CA TYR A 233 -0.01 -8.60 8.04
C TYR A 233 -0.92 -7.38 8.32
N HIS A 234 -1.93 -7.53 9.18
CA HIS A 234 -2.83 -6.42 9.59
C HIS A 234 -2.01 -5.25 10.17
N LEU A 235 -2.36 -4.01 9.86
CA LEU A 235 -1.73 -2.80 10.48
C LEU A 235 -2.27 -2.62 11.89
N VAL A 236 -3.52 -3.00 12.13
CA VAL A 236 -4.18 -2.93 13.46
C VAL A 236 -4.59 -4.34 13.88
N ASP A 237 -4.36 -4.70 15.15
CA ASP A 237 -4.51 -6.11 15.62
C ASP A 237 -5.95 -6.36 16.09
N GLU A 238 -6.22 -7.56 16.62
CA GLU A 238 -7.58 -8.05 16.92
C GLU A 238 -8.17 -7.26 18.09
N ASN A 239 -7.37 -6.47 18.81
CA ASN A 239 -7.82 -5.64 19.96
C ASN A 239 -7.90 -4.16 19.57
N PHE A 240 -7.91 -3.85 18.27
CA PHE A 240 -7.91 -2.47 17.71
C PHE A 240 -6.67 -1.68 18.16
N ASP A 241 -5.57 -2.39 18.47
CA ASP A 241 -4.26 -1.75 18.75
C ASP A 241 -3.44 -1.69 17.45
N PRO A 242 -2.78 -0.54 17.21
CA PRO A 242 -1.90 -0.39 16.05
C PRO A 242 -0.52 -1.03 16.23
N LEU A 243 -0.10 -1.79 15.23
CA LEU A 243 1.18 -2.52 15.29
C LEU A 243 2.25 -1.64 14.69
N PRO A 244 3.53 -2.05 14.72
CA PRO A 244 4.60 -1.16 14.28
C PRO A 244 4.41 -0.65 12.84
N ASP A 245 3.87 -1.46 11.93
CA ASP A 245 3.63 -1.03 10.53
C ASP A 245 2.61 0.10 10.56
N TYR A 246 1.68 0.12 11.51
CA TYR A 246 0.74 1.26 11.51
C TYR A 246 1.53 2.54 11.78
N TRP A 247 2.33 2.55 12.84
CA TRP A 247 3.12 3.74 13.27
C TRP A 247 4.03 4.19 12.11
N LEU A 248 4.53 3.21 11.37
CA LEU A 248 5.49 3.42 10.27
C LEU A 248 4.72 4.13 9.15
N SER A 249 3.50 3.70 8.88
CA SER A 249 2.64 4.24 7.83
C SER A 249 2.20 5.67 8.18
N LEU A 250 1.88 5.92 9.45
CA LEU A 250 1.52 7.28 9.93
C LEU A 250 2.69 8.27 9.70
N LEU A 251 3.89 7.87 10.13
CA LEU A 251 5.12 8.70 10.07
C LEU A 251 5.46 9.06 8.62
N PHE A 252 5.38 8.08 7.72
CA PHE A 252 5.64 8.23 6.26
C PHE A 252 4.66 9.25 5.69
N LYS A 253 3.40 9.07 6.10
CA LYS A 253 2.29 9.92 5.66
C LYS A 253 2.60 11.36 6.07
N LYS A 254 3.14 11.60 7.26
CA LYS A 254 3.37 12.99 7.77
C LYS A 254 4.58 13.66 7.10
N LEU A 255 5.61 12.90 6.75
CA LEU A 255 6.95 13.45 6.45
C LEU A 255 7.23 13.51 4.93
N VAL A 256 6.67 12.57 4.17
CA VAL A 256 7.11 12.21 2.78
C VAL A 256 6.14 12.81 1.74
N GLY A 257 6.63 13.72 0.89
CA GLY A 257 5.88 14.44 -0.16
C GLY A 257 5.59 13.53 -1.34
N THR A 258 4.71 13.98 -2.24
CA THR A 258 4.37 13.25 -3.52
C THR A 258 5.52 13.32 -4.56
N LYS A 259 6.41 14.30 -4.49
CA LYS A 259 7.48 14.48 -5.50
C LYS A 259 8.64 13.56 -5.12
N VAL A 260 8.93 12.61 -5.98
CA VAL A 260 9.92 11.53 -5.72
C VAL A 260 11.28 11.95 -6.26
N LEU A 261 12.32 11.94 -5.44
CA LEU A 261 13.74 12.14 -5.85
C LEU A 261 14.53 10.82 -5.77
N MET A 262 15.85 10.88 -5.60
CA MET A 262 16.77 9.71 -5.56
C MET A 262 17.90 10.03 -4.60
N ALA A 263 18.23 9.05 -3.75
CA ALA A 263 19.48 8.97 -2.98
C ALA A 263 20.13 7.63 -3.30
N SER A 264 21.42 7.54 -3.09
CA SER A 264 22.19 6.29 -3.30
C SER A 264 23.44 6.38 -2.45
N VAL A 265 24.02 5.25 -2.12
CA VAL A 265 25.24 5.17 -1.27
C VAL A 265 26.43 4.88 -2.18
N GLN A 266 27.50 5.65 -2.08
CA GLN A 266 28.79 5.38 -2.78
C GLN A 266 29.37 4.05 -2.25
N GLY A 267 29.86 3.18 -3.14
CA GLY A 267 30.53 1.92 -2.80
C GLY A 267 29.82 0.77 -3.48
N SER A 268 30.58 -0.23 -3.95
CA SER A 268 30.09 -1.42 -4.72
C SER A 268 28.94 -2.07 -3.96
N LYS A 269 29.08 -2.16 -2.63
CA LYS A 269 27.99 -2.63 -1.75
C LYS A 269 27.08 -1.44 -1.44
N ARG A 270 25.80 -1.63 -1.72
CA ARG A 270 24.73 -0.65 -1.44
C ARG A 270 23.41 -1.43 -1.25
N ARG A 271 23.47 -2.71 -0.84
CA ARG A 271 22.28 -3.62 -0.70
C ARG A 271 21.72 -3.57 0.74
N LYS A 272 22.57 -3.43 1.77
CA LYS A 272 22.16 -3.54 3.19
C LYS A 272 21.79 -2.15 3.73
N LEU A 273 22.37 -1.10 3.16
CA LEU A 273 21.97 0.29 3.48
C LEU A 273 21.08 0.80 2.34
N ARG A 274 19.79 0.92 2.57
CA ARG A 274 18.77 1.25 1.55
C ARG A 274 18.26 2.67 1.80
N VAL A 275 18.30 3.55 0.79
CA VAL A 275 18.07 5.02 0.95
C VAL A 275 17.11 5.51 -0.13
N TYR A 276 16.17 6.39 0.23
CA TYR A 276 15.12 6.98 -0.62
C TYR A 276 15.01 8.47 -0.27
N LEU A 277 14.63 9.27 -1.26
CA LEU A 277 14.54 10.76 -1.10
C LEU A 277 13.31 11.26 -1.84
N HIS A 278 12.43 11.96 -1.11
CA HIS A 278 11.30 12.77 -1.62
C HIS A 278 11.45 14.22 -1.14
N CYS A 279 10.69 15.13 -1.76
CA CYS A 279 10.37 16.45 -1.16
C CYS A 279 9.61 16.22 0.15
N THR A 280 9.84 17.06 1.16
CA THR A 280 9.15 16.98 2.46
C THR A 280 7.64 17.21 2.21
N ASN A 281 6.79 16.45 2.90
CA ASN A 281 5.34 16.76 3.02
C ASN A 281 5.25 18.17 3.63
N THR A 282 4.69 19.07 2.85
CA THR A 282 4.75 20.52 3.16
C THR A 282 3.58 20.91 4.06
N ASP A 283 2.44 20.21 3.97
CA ASP A 283 1.28 20.34 4.91
C ASP A 283 1.77 20.50 6.34
N ASN A 284 2.75 19.69 6.70
CA ASN A 284 3.39 19.73 8.04
C ASN A 284 3.89 21.14 8.34
N PRO A 285 3.25 21.91 9.26
CA PRO A 285 3.63 23.31 9.50
C PRO A 285 5.05 23.55 10.04
N ARG A 286 5.79 22.52 10.42
CA ARG A 286 7.22 22.67 10.82
C ARG A 286 8.10 22.86 9.57
N TYR A 287 7.62 22.43 8.41
CA TYR A 287 8.47 22.23 7.20
C TYR A 287 7.97 23.12 6.05
N LYS A 288 8.95 23.67 5.33
CA LYS A 288 8.73 24.65 4.24
C LYS A 288 9.16 24.05 2.90
N GLU A 289 8.43 24.39 1.83
CA GLU A 289 8.91 24.38 0.43
C GLU A 289 10.44 24.28 0.34
N GLY A 290 10.93 23.21 -0.28
CA GLY A 290 12.38 23.06 -0.56
C GLY A 290 13.04 22.06 0.35
N ASP A 291 12.39 21.72 1.46
CA ASP A 291 12.91 20.72 2.43
C ASP A 291 12.86 19.33 1.76
N LEU A 292 13.81 18.50 2.15
CA LEU A 292 13.94 17.08 1.73
C LEU A 292 13.63 16.11 2.90
N THR A 293 12.96 15.01 2.60
CA THR A 293 12.82 13.87 3.53
C THR A 293 13.63 12.73 2.95
N LEU A 294 14.72 12.39 3.62
CA LEU A 294 15.48 11.13 3.44
C LEU A 294 14.85 10.08 4.35
N TYR A 295 14.66 8.85 3.85
CA TYR A 295 14.39 7.71 4.73
C TYR A 295 15.36 6.59 4.34
N ALA A 296 15.78 5.84 5.35
CA ALA A 296 16.92 4.91 5.28
C ALA A 296 16.63 3.70 6.15
N ILE A 297 17.00 2.54 5.63
CA ILE A 297 16.87 1.22 6.30
C ILE A 297 18.29 0.68 6.48
N ASN A 298 18.66 0.32 7.71
CA ASN A 298 19.99 -0.30 8.01
C ASN A 298 19.77 -1.77 8.32
N LEU A 299 20.23 -2.65 7.43
CA LEU A 299 20.17 -4.12 7.67
C LEU A 299 21.57 -4.64 8.02
N HIS A 300 22.55 -3.77 8.26
CA HIS A 300 23.85 -4.11 8.91
C HIS A 300 23.61 -4.45 10.38
N ASN A 301 24.49 -5.25 10.98
CA ASN A 301 24.40 -5.62 12.42
C ASN A 301 25.23 -4.61 13.21
N VAL A 302 25.60 -3.48 12.62
CA VAL A 302 26.29 -2.37 13.33
C VAL A 302 25.62 -1.06 12.91
N THR A 303 25.81 0.00 13.68
CA THR A 303 25.35 1.36 13.32
C THR A 303 26.08 1.81 12.07
N LYS A 304 25.41 2.55 11.19
CA LYS A 304 26.10 3.20 10.04
C LYS A 304 25.89 4.71 10.17
N TYR A 305 26.88 5.50 9.76
CA TYR A 305 26.82 6.97 9.83
C TYR A 305 26.79 7.49 8.39
N LEU A 306 25.71 8.18 8.06
CA LEU A 306 25.39 8.68 6.71
C LEU A 306 25.83 10.16 6.66
N ARG A 307 26.68 10.50 5.69
CA ARG A 307 27.07 11.92 5.43
C ARG A 307 26.23 12.44 4.27
N LEU A 308 25.53 13.55 4.48
CA LEU A 308 24.76 14.24 3.42
C LEU A 308 25.73 14.88 2.42
N PRO A 309 25.45 14.78 1.12
CA PRO A 309 26.32 15.37 0.11
C PRO A 309 26.17 16.90 0.14
N TYR A 310 27.19 17.58 -0.38
CA TYR A 310 27.21 19.03 -0.66
C TYR A 310 26.02 19.40 -1.55
N PRO A 311 25.32 20.54 -1.34
CA PRO A 311 25.60 21.47 -0.25
C PRO A 311 24.63 21.33 0.93
N PHE A 312 24.40 20.10 1.40
CA PHE A 312 23.43 19.82 2.50
C PHE A 312 24.16 19.41 3.79
N SER A 313 25.49 19.44 3.80
CA SER A 313 26.33 18.91 4.90
C SER A 313 26.30 19.82 6.14
N ASN A 314 25.64 20.97 6.12
CA ASN A 314 25.55 21.90 7.28
C ASN A 314 24.10 22.33 7.56
N LYS A 315 23.12 21.59 7.05
CA LYS A 315 21.68 21.83 7.30
C LYS A 315 21.29 21.30 8.68
N GLN A 316 20.26 21.88 9.28
CA GLN A 316 19.57 21.32 10.48
C GLN A 316 18.75 20.12 10.02
N VAL A 317 18.99 18.95 10.62
CA VAL A 317 18.26 17.69 10.33
C VAL A 317 17.45 17.28 11.56
N ASP A 318 16.16 17.07 11.34
CA ASP A 318 15.24 16.44 12.28
C ASP A 318 15.32 14.94 12.02
N LYS A 319 15.69 14.18 13.03
CA LYS A 319 15.69 12.69 13.02
C LYS A 319 14.31 12.19 13.46
N TYR A 320 13.84 11.14 12.79
CA TYR A 320 12.68 10.31 13.24
C TYR A 320 13.10 8.84 13.17
N LEU A 321 13.73 8.34 14.22
CA LEU A 321 14.27 6.96 14.31
C LEU A 321 13.28 6.10 15.10
N LEU A 322 12.84 5.03 14.44
CA LEU A 322 12.02 3.92 14.96
C LEU A 322 12.91 2.73 15.32
N ARG A 323 12.80 2.32 16.61
CA ARG A 323 13.44 1.13 17.22
C ARG A 323 12.38 0.38 18.02
N PRO A 324 12.46 -0.94 18.15
CA PRO A 324 11.47 -1.70 18.90
C PRO A 324 11.54 -1.46 20.41
N LEU A 325 10.39 -1.47 21.07
CA LEU A 325 10.30 -1.63 22.55
C LEU A 325 10.61 -3.08 22.93
N GLY A 326 11.60 -3.29 23.78
CA GLY A 326 11.99 -4.64 24.23
C GLY A 326 10.82 -5.27 24.98
N PRO A 327 10.93 -6.54 25.39
CA PRO A 327 12.17 -7.30 25.26
C PRO A 327 12.35 -8.14 23.99
N HIS A 328 11.41 -8.09 23.04
CA HIS A 328 11.28 -9.07 21.93
C HIS A 328 12.02 -8.57 20.65
N GLY A 329 12.84 -7.51 20.78
CA GLY A 329 13.55 -6.82 19.70
C GLY A 329 12.72 -6.70 18.44
N LEU A 330 13.16 -7.36 17.39
CA LEU A 330 12.56 -7.16 16.05
C LEU A 330 11.25 -7.95 16.05
N LEU A 331 11.04 -8.84 17.03
CA LEU A 331 9.79 -9.67 17.09
C LEU A 331 8.74 -8.97 17.96
N SER A 332 9.04 -7.74 18.39
CA SER A 332 8.17 -6.87 19.21
C SER A 332 7.02 -6.26 18.38
N LYS A 333 5.85 -6.17 18.98
CA LYS A 333 4.65 -5.50 18.47
C LYS A 333 4.56 -4.06 18.97
N SER A 334 5.62 -3.52 19.57
CA SER A 334 5.68 -2.11 20.08
C SER A 334 6.90 -1.39 19.51
N VAL A 335 6.81 -0.08 19.32
CA VAL A 335 7.88 0.69 18.61
C VAL A 335 8.03 2.03 19.30
N GLN A 336 9.26 2.48 19.43
CA GLN A 336 9.65 3.81 19.97
C GLN A 336 10.13 4.71 18.82
N LEU A 337 9.67 5.97 18.84
CA LEU A 337 10.16 7.09 18.00
C LEU A 337 11.13 7.93 18.83
N ASN A 338 12.41 7.95 18.46
CA ASN A 338 13.42 8.78 19.14
C ASN A 338 13.40 8.41 20.62
N GLY A 339 13.24 7.11 20.88
CA GLY A 339 13.24 6.56 22.25
C GLY A 339 11.98 6.87 23.05
N LEU A 340 10.89 7.39 22.47
CA LEU A 340 9.56 7.50 23.12
C LEU A 340 8.66 6.40 22.55
N THR A 341 7.96 5.66 23.41
CA THR A 341 7.06 4.57 22.96
C THR A 341 5.85 5.22 22.30
N LEU A 342 5.43 4.70 21.16
CA LEU A 342 4.25 5.20 20.43
C LEU A 342 3.02 4.43 20.91
N LYS A 343 2.07 5.14 21.54
CA LYS A 343 0.75 4.60 21.96
C LYS A 343 -0.32 5.65 21.63
N MET A 344 -1.53 5.25 21.27
CA MET A 344 -2.72 6.15 21.28
C MET A 344 -2.74 6.92 22.61
N VAL A 345 -3.08 8.20 22.60
CA VAL A 345 -3.36 8.94 23.86
C VAL A 345 -4.70 8.41 24.41
N ASP A 346 -5.70 8.26 23.54
CA ASP A 346 -6.96 7.54 23.85
C ASP A 346 -7.62 7.15 22.53
N ASP A 347 -8.81 6.56 22.62
CA ASP A 347 -9.50 5.93 21.46
C ASP A 347 -9.69 6.97 20.39
N GLN A 348 -9.66 8.24 20.80
CA GLN A 348 -9.99 9.42 19.97
C GLN A 348 -8.72 10.12 19.48
N THR A 349 -7.55 9.81 20.02
CA THR A 349 -6.39 10.76 19.97
C THR A 349 -5.07 10.04 19.68
N LEU A 350 -4.41 10.52 18.62
CA LEU A 350 -3.07 10.04 18.19
C LEU A 350 -2.05 10.94 18.87
N PRO A 351 -0.86 10.43 19.24
CA PRO A 351 0.19 11.27 19.81
C PRO A 351 0.81 12.23 18.79
N PRO A 352 1.54 13.25 19.26
CA PRO A 352 2.39 14.05 18.38
C PRO A 352 3.48 13.06 17.95
N LEU A 353 4.09 13.27 16.80
CA LEU A 353 5.29 12.49 16.41
C LEU A 353 6.48 13.44 16.51
N MET A 354 7.23 13.35 17.62
CA MET A 354 8.25 14.35 18.01
C MET A 354 9.60 14.03 17.35
N GLU A 355 10.10 15.03 16.63
CA GLU A 355 11.46 15.02 16.04
C GLU A 355 12.51 15.07 17.15
N LYS A 356 13.74 14.86 16.71
CA LYS A 356 14.97 15.05 17.51
C LYS A 356 15.91 15.84 16.62
N PRO A 357 16.05 17.18 16.78
CA PRO A 357 17.00 17.94 15.97
C PRO A 357 18.41 17.42 16.27
N LEU A 358 19.17 17.16 15.21
CA LEU A 358 20.59 16.76 15.30
C LEU A 358 21.40 18.04 15.22
N ARG A 359 22.64 18.03 15.70
CA ARG A 359 23.51 19.24 15.59
C ARG A 359 23.86 19.38 14.11
N PRO A 360 23.66 20.57 13.50
CA PRO A 360 24.09 20.80 12.12
C PRO A 360 25.51 20.31 11.89
N GLY A 361 25.74 19.58 10.79
CA GLY A 361 27.06 19.03 10.44
C GLY A 361 27.36 17.66 11.01
N SER A 362 26.51 17.08 11.85
CA SER A 362 26.70 15.67 12.31
C SER A 362 26.37 14.69 11.18
N SER A 363 27.10 13.59 11.09
CA SER A 363 26.65 12.42 10.30
C SER A 363 25.34 11.94 10.92
N LEU A 364 24.58 11.18 10.13
CA LEU A 364 23.24 10.64 10.46
C LEU A 364 23.45 9.21 10.97
N GLY A 365 23.33 9.02 12.27
CA GLY A 365 23.53 7.70 12.90
C GLY A 365 22.30 6.85 12.68
N LEU A 366 22.48 5.62 12.21
CA LEU A 366 21.36 4.70 11.96
C LEU A 366 21.77 3.35 12.52
N PRO A 367 21.22 2.93 13.69
CA PRO A 367 21.66 1.69 14.33
C PRO A 367 21.38 0.46 13.47
N ALA A 368 22.08 -0.63 13.77
CA ALA A 368 21.81 -1.98 13.22
C ALA A 368 20.30 -2.22 13.23
N PHE A 369 19.80 -2.88 12.20
CA PHE A 369 18.41 -3.36 12.18
C PHE A 369 17.47 -2.25 12.66
N SER A 370 17.53 -1.09 12.00
CA SER A 370 16.57 0.02 12.23
C SER A 370 16.19 0.70 10.90
N TYR A 371 15.20 1.59 10.98
CA TYR A 371 14.78 2.51 9.90
C TYR A 371 14.40 3.86 10.52
N SER A 372 14.73 4.92 9.77
CA SER A 372 14.54 6.33 10.18
C SER A 372 14.20 7.18 8.96
N PHE A 373 13.48 8.28 9.23
CA PHE A 373 13.32 9.48 8.37
C PHE A 373 14.25 10.58 8.89
N PHE A 374 14.76 11.38 7.97
CA PHE A 374 15.52 12.61 8.25
C PHE A 374 14.95 13.70 7.33
N VAL A 375 14.35 14.73 7.92
CA VAL A 375 13.91 15.96 7.22
C VAL A 375 15.10 16.93 7.18
N ILE A 376 15.56 17.27 5.97
CA ILE A 376 16.67 18.25 5.76
C ILE A 376 16.05 19.64 5.61
N ARG A 377 16.15 20.44 6.66
CA ARG A 377 15.42 21.72 6.84
C ARG A 377 16.14 22.81 6.07
N ASN A 378 15.40 23.65 5.36
CA ASN A 378 16.01 24.77 4.61
C ASN A 378 16.95 24.19 3.54
N ALA A 379 16.59 23.04 2.95
CA ALA A 379 17.32 22.43 1.80
C ALA A 379 17.13 23.34 0.59
N LYS A 380 16.03 24.10 0.53
CA LYS A 380 15.73 25.07 -0.55
C LYS A 380 15.91 24.39 -1.89
N VAL A 381 15.28 23.23 -2.12
CA VAL A 381 15.39 22.47 -3.40
C VAL A 381 14.27 22.96 -4.30
N ALA A 382 14.63 23.59 -5.43
CA ALA A 382 13.69 24.22 -6.39
C ALA A 382 12.72 23.19 -6.99
N ALA A 383 13.18 21.96 -7.27
CA ALA A 383 12.27 20.86 -7.67
C ALA A 383 11.10 20.71 -6.65
N CYS A 384 11.33 20.99 -5.36
CA CYS A 384 10.33 20.79 -4.27
C CYS A 384 9.62 22.07 -3.93
N ILE A 385 9.76 23.06 -4.81
CA ILE A 385 9.17 24.42 -4.71
C ILE A 385 8.39 24.58 -6.01
N GLN B 1 35.64 1.13 9.36
CA GLN B 1 34.75 2.21 9.84
C GLN B 1 33.40 2.15 9.10
N ASP B 2 32.42 2.89 9.62
CA ASP B 2 30.98 2.64 9.40
C ASP B 2 30.35 3.93 8.87
N VAL B 3 31.13 4.68 8.10
CA VAL B 3 30.73 6.01 7.55
C VAL B 3 30.41 5.81 6.08
N VAL B 4 29.27 6.33 5.61
CA VAL B 4 28.75 6.07 4.24
C VAL B 4 28.35 7.41 3.60
N ASP B 5 28.87 7.67 2.40
CA ASP B 5 28.57 8.90 1.64
C ASP B 5 27.30 8.68 0.82
N LEU B 6 26.40 9.66 0.84
CA LEU B 6 25.16 9.60 0.02
C LEU B 6 25.31 10.51 -1.20
N ASP B 7 24.87 10.04 -2.36
CA ASP B 7 24.62 10.90 -3.56
C ASP B 7 23.10 11.13 -3.69
N PHE B 8 22.70 12.36 -3.99
CA PHE B 8 21.28 12.79 -4.15
C PHE B 8 21.01 13.35 -5.53
N PHE B 9 19.99 12.86 -6.21
CA PHE B 9 19.44 13.60 -7.38
C PHE B 9 18.39 14.61 -6.91
N THR B 10 18.59 15.94 -7.09
CA THR B 10 17.65 17.03 -6.67
C THR B 10 17.23 17.99 -7.80
N GLN B 11 17.63 17.76 -9.06
CA GLN B 11 17.42 18.72 -10.18
C GLN B 11 15.92 18.81 -10.50
N GLU B 12 15.23 17.68 -10.48
CA GLU B 12 13.80 17.63 -10.84
C GLU B 12 13.11 16.43 -10.22
N PRO B 13 11.77 16.49 -10.08
CA PRO B 13 10.98 15.36 -9.61
C PRO B 13 11.08 14.20 -10.61
N LEU B 14 11.38 12.99 -10.14
CA LEU B 14 11.44 11.81 -11.04
C LEU B 14 10.05 11.17 -11.18
N HIS B 15 9.19 11.41 -10.20
CA HIS B 15 7.81 10.87 -10.15
C HIS B 15 6.97 11.75 -9.23
N LEU B 16 5.69 11.83 -9.55
CA LEU B 16 4.62 12.25 -8.63
C LEU B 16 3.81 11.01 -8.26
N VAL B 17 3.83 10.59 -7.00
CA VAL B 17 2.89 9.55 -6.51
C VAL B 17 1.63 10.31 -6.09
N SER B 18 0.54 9.60 -5.90
CA SER B 18 -0.71 10.18 -5.38
C SER B 18 -0.50 10.68 -3.95
N PRO B 19 -1.28 11.68 -3.49
CA PRO B 19 -1.36 11.96 -2.05
C PRO B 19 -1.83 10.70 -1.30
N SER B 20 -2.53 9.80 -2.00
CA SER B 20 -3.05 8.52 -1.46
C SER B 20 -2.09 7.36 -1.72
N PHE B 21 -0.84 7.67 -2.02
CA PHE B 21 0.22 6.69 -2.31
C PHE B 21 0.11 5.49 -1.36
N LEU B 22 0.13 5.76 -0.05
CA LEU B 22 0.02 4.72 1.01
C LEU B 22 -1.47 4.50 1.28
N SER B 23 -1.98 3.42 0.71
CA SER B 23 -3.39 2.98 0.75
C SER B 23 -3.45 1.59 1.39
N VAL B 24 -4.66 1.06 1.56
CA VAL B 24 -4.94 -0.09 2.48
C VAL B 24 -6.12 -0.84 1.90
N THR B 25 -6.20 -2.13 2.23
CA THR B 25 -7.33 -3.00 1.85
C THR B 25 -8.11 -3.40 3.11
N ILE B 26 -9.41 -3.65 2.94
CA ILE B 26 -10.16 -4.58 3.83
C ILE B 26 -10.49 -5.80 2.99
N ASP B 27 -10.08 -6.97 3.45
CA ASP B 27 -10.33 -8.23 2.70
C ASP B 27 -11.84 -8.37 2.58
N ALA B 28 -12.31 -8.89 1.44
CA ALA B 28 -13.73 -9.13 1.20
C ALA B 28 -14.20 -10.23 2.15
N ASN B 29 -13.28 -11.15 2.52
CA ASN B 29 -13.43 -12.19 3.57
C ASN B 29 -14.09 -11.62 4.82
N LEU B 30 -13.68 -10.42 5.23
CA LEU B 30 -14.13 -9.79 6.50
C LEU B 30 -15.66 -9.60 6.53
N ALA B 31 -16.33 -9.62 5.37
CA ALA B 31 -17.81 -9.51 5.28
C ALA B 31 -18.49 -10.86 5.50
N THR B 32 -17.74 -11.94 5.61
CA THR B 32 -18.30 -13.23 6.05
C THR B 32 -18.21 -13.30 7.58
N ASP B 33 -17.52 -12.35 8.23
CA ASP B 33 -17.42 -12.31 9.72
C ASP B 33 -18.73 -11.81 10.32
N PRO B 34 -19.31 -12.54 11.30
CA PRO B 34 -20.45 -12.03 12.08
C PRO B 34 -20.22 -10.65 12.72
N ARG B 35 -19.02 -10.34 13.22
CA ARG B 35 -18.76 -9.09 14.00
C ARG B 35 -18.59 -7.88 13.09
N PHE B 36 -18.62 -8.10 11.77
CA PHE B 36 -18.32 -7.10 10.72
C PHE B 36 -18.82 -5.71 11.11
N LEU B 37 -20.10 -5.66 11.47
CA LEU B 37 -20.84 -4.43 11.87
C LEU B 37 -20.19 -3.82 13.11
N ILE B 38 -19.97 -4.62 14.14
CA ILE B 38 -19.27 -4.15 15.37
C ILE B 38 -17.92 -3.60 14.93
N LEU B 39 -17.22 -4.31 14.06
CA LEU B 39 -15.79 -4.01 13.81
C LEU B 39 -15.65 -2.64 13.14
N LEU B 40 -16.34 -2.37 12.04
CA LEU B 40 -16.24 -1.08 11.32
C LEU B 40 -17.01 -0.01 12.09
N GLY B 41 -17.83 -0.43 13.04
CA GLY B 41 -18.41 0.47 14.05
C GLY B 41 -17.35 1.12 14.93
N SER B 42 -16.22 0.44 15.16
CA SER B 42 -15.27 0.83 16.23
C SER B 42 -14.84 2.27 16.02
N PRO B 43 -15.14 3.20 16.96
CA PRO B 43 -14.62 4.55 16.84
C PRO B 43 -13.09 4.60 16.96
N LYS B 44 -12.49 3.70 17.75
CA LYS B 44 -11.00 3.56 17.86
C LYS B 44 -10.41 3.29 16.47
N LEU B 45 -10.95 2.27 15.81
CA LEU B 45 -10.55 1.88 14.45
C LEU B 45 -10.69 3.09 13.51
N ARG B 46 -11.75 3.88 13.65
CA ARG B 46 -12.06 5.03 12.75
C ARG B 46 -11.00 6.11 12.92
N THR B 47 -10.61 6.36 14.17
CA THR B 47 -9.51 7.26 14.60
C THR B 47 -8.23 6.89 13.84
N LEU B 48 -7.84 5.61 13.94
CA LEU B 48 -6.64 5.02 13.30
C LEU B 48 -6.76 5.18 11.78
N ALA B 49 -7.91 4.83 11.20
CA ALA B 49 -8.15 5.02 9.75
C ALA B 49 -7.97 6.50 9.35
N ARG B 50 -8.57 7.44 10.09
CA ARG B 50 -8.52 8.89 9.75
C ARG B 50 -7.08 9.37 9.63
N GLY B 51 -6.19 8.81 10.45
CA GLY B 51 -4.75 9.15 10.48
C GLY B 51 -4.05 8.75 9.20
N LEU B 52 -4.58 7.77 8.46
CA LEU B 52 -3.97 7.42 7.16
C LEU B 52 -4.63 8.20 6.03
N SER B 53 -5.62 9.03 6.32
CA SER B 53 -6.27 9.87 5.28
C SER B 53 -5.26 10.92 4.82
N PRO B 54 -5.11 11.22 3.52
CA PRO B 54 -5.84 10.52 2.44
C PRO B 54 -5.27 9.18 1.97
N ALA B 55 -6.19 8.28 1.62
CA ALA B 55 -5.86 6.92 1.18
C ALA B 55 -7.08 6.34 0.47
N TYR B 56 -6.82 5.46 -0.49
CA TYR B 56 -7.84 4.55 -1.00
C TYR B 56 -7.97 3.37 -0.03
N LEU B 57 -9.21 2.92 0.07
CA LEU B 57 -9.55 1.70 0.80
C LEU B 57 -10.13 0.73 -0.23
N ARG B 58 -9.38 -0.33 -0.57
CA ARG B 58 -9.85 -1.41 -1.47
C ARG B 58 -10.58 -2.45 -0.62
N PHE B 59 -11.89 -2.63 -0.85
CA PHE B 59 -12.68 -3.77 -0.33
C PHE B 59 -12.59 -4.88 -1.39
N GLY B 60 -11.79 -5.89 -1.10
CA GLY B 60 -11.49 -6.95 -2.08
C GLY B 60 -10.55 -7.99 -1.53
N GLY B 61 -10.61 -9.17 -2.14
CA GLY B 61 -9.76 -10.33 -1.77
C GLY B 61 -10.32 -11.53 -2.47
N THR B 62 -9.79 -12.71 -2.19
CA THR B 62 -10.26 -13.94 -2.87
C THR B 62 -11.78 -14.00 -2.90
N LYS B 63 -12.46 -13.63 -1.81
CA LYS B 63 -13.95 -13.75 -1.65
C LYS B 63 -14.70 -12.74 -2.54
N THR B 64 -13.99 -11.72 -3.06
CA THR B 64 -14.54 -10.81 -4.09
C THR B 64 -15.34 -11.62 -5.12
N ASP B 65 -14.81 -12.76 -5.55
CA ASP B 65 -15.39 -13.59 -6.64
C ASP B 65 -16.23 -14.74 -6.07
N PHE B 66 -16.74 -14.59 -4.84
CA PHE B 66 -17.63 -15.57 -4.19
C PHE B 66 -18.67 -14.85 -3.34
N LEU B 67 -18.85 -13.54 -3.56
CA LEU B 67 -19.82 -12.70 -2.83
C LEU B 67 -20.92 -12.29 -3.80
N ILE B 68 -22.17 -12.32 -3.35
CA ILE B 68 -23.37 -11.99 -4.16
C ILE B 68 -24.17 -10.97 -3.36
N PHE B 69 -24.51 -9.84 -3.99
CA PHE B 69 -25.33 -8.79 -3.35
C PHE B 69 -26.76 -9.33 -3.22
N ASP B 70 -27.37 -9.19 -2.04
CA ASP B 70 -28.80 -9.46 -1.79
C ASP B 70 -29.50 -8.21 -1.25
N PRO B 71 -30.34 -7.58 -2.09
CA PRO B 71 -31.22 -6.50 -1.62
C PRO B 71 -32.31 -6.96 -0.63
N LYS B 72 -32.65 -8.25 -0.61
CA LYS B 72 -33.74 -8.79 0.23
C LYS B 72 -33.30 -8.78 1.71
N LYS B 73 -32.09 -9.29 1.97
CA LYS B 73 -31.38 -9.20 3.29
C LYS B 73 -31.25 -7.73 3.71
#